data_2I0Z
#
_entry.id   2I0Z
#
_cell.length_a   46.716
_cell.length_b   92.366
_cell.length_c   97.504
_cell.angle_alpha   90.00
_cell.angle_beta   90.00
_cell.angle_gamma   90.00
#
_symmetry.space_group_name_H-M   'P 21 21 21'
#
loop_
_entity.id
_entity.type
_entity.pdbx_description
1 polymer 'NAD(FAD)-utilizing dehydrogenases'
2 non-polymer 'CHLORIDE ION'
3 non-polymer 'FLAVIN-ADENINE DINUCLEOTIDE'
4 water water
#
_entity_poly.entity_id   1
_entity_poly.type   'polypeptide(L)'
_entity_poly.pdbx_seq_one_letter_code
;MHHHHHHSSGVDLGTENLYFQSNAMHYDVIVIGGGPSGLMAAIGAAEEGANVLLLDKGNKLGRKLAISGGGRCNVTNRLP
LDEIVKHIPGNGRFLYSAFSIFNNEDIITFFENLGVKLKEEDHGRMFPVSNKAQSVVDALLTRLKDLGVKIRTNTPVETI
EYENGQTKAVILQTGEVLETNHVVIAVGGKSVPQTGSTGDGYAWAEKAGHTITELFPTEVPILSNEPFIRDRSLQGLALR
DINLSVLNPKGKAIISHKMDMLFTHFGLSGPAALRCSQFVVKALKKFKTNTIQMSIDALPEENSEQLFQRMLKQMKEDPK
KGIKNVLKGYVPERYFLFLLEKNEIDGSEQAGQVSHEKIRALVKDFKEFTVNVNGTQSIEKAFVTGGGVSVKEINPKEMS
SKFTNGLYFCGEVLDIHGYTGGYNITSALVTGRIAGTTAGENAKMQY
;
_entity_poly.pdbx_strand_id   A
#
# COMPACT_ATOMS: atom_id res chain seq x y z
N MET A 25 -31.19 -18.24 14.43
CA MET A 25 -29.88 -18.22 13.72
C MET A 25 -29.88 -19.06 12.44
N HIS A 26 -30.31 -18.46 11.34
CA HIS A 26 -30.21 -19.12 10.04
C HIS A 26 -28.74 -19.36 9.66
N TYR A 27 -27.84 -18.44 10.04
CA TYR A 27 -26.47 -18.50 9.51
C TYR A 27 -25.36 -18.89 10.49
N ASP A 28 -24.59 -19.90 10.08
CA ASP A 28 -23.43 -20.36 10.85
C ASP A 28 -22.32 -19.30 10.92
N VAL A 29 -22.07 -18.64 9.77
CA VAL A 29 -21.05 -17.60 9.71
C VAL A 29 -21.63 -16.50 8.84
N ILE A 30 -21.43 -15.27 9.27
CA ILE A 30 -21.73 -14.08 8.46
C ILE A 30 -20.43 -13.35 8.14
N VAL A 31 -20.16 -13.16 6.84
CA VAL A 31 -18.98 -12.39 6.43
C VAL A 31 -19.47 -11.01 5.99
N ILE A 32 -18.89 -9.96 6.55
CA ILE A 32 -19.27 -8.58 6.20
C ILE A 32 -18.20 -8.02 5.30
N GLY A 33 -18.53 -7.86 4.02
CA GLY A 33 -17.61 -7.24 3.06
C GLY A 33 -17.24 -8.25 2.01
N GLY A 34 -17.41 -7.89 0.74
CA GLY A 34 -17.13 -8.76 -0.40
C GLY A 34 -15.96 -8.29 -1.28
N GLY A 35 -14.91 -7.80 -0.64
CA GLY A 35 -13.59 -7.60 -1.29
C GLY A 35 -12.85 -8.94 -1.33
N PRO A 36 -11.56 -8.94 -1.71
CA PRO A 36 -10.82 -10.20 -1.80
C PRO A 36 -10.80 -10.98 -0.46
N SER A 37 -10.67 -10.27 0.65
CA SER A 37 -10.59 -10.98 1.93
C SER A 37 -11.94 -11.63 2.27
N GLY A 38 -13.03 -10.88 2.17
CA GLY A 38 -14.38 -11.39 2.46
C GLY A 38 -14.80 -12.52 1.57
N LEU A 39 -14.50 -12.39 0.26
CA LEU A 39 -14.79 -13.45 -0.68
C LEU A 39 -14.02 -14.74 -0.31
N MET A 40 -12.74 -14.61 0.03
CA MET A 40 -11.99 -15.82 0.46
C MET A 40 -12.47 -16.38 1.81
N ALA A 41 -12.89 -15.49 2.70
CA ALA A 41 -13.44 -15.92 4.01
C ALA A 41 -14.73 -16.71 3.81
N ALA A 42 -15.63 -16.20 2.97
CA ALA A 42 -16.88 -16.93 2.68
C ALA A 42 -16.63 -18.29 2.03
N ILE A 43 -15.69 -18.35 1.08
CA ILE A 43 -15.33 -19.62 0.44
C ILE A 43 -14.74 -20.57 1.49
N GLY A 44 -13.78 -20.06 2.28
CA GLY A 44 -13.16 -20.81 3.38
C GLY A 44 -14.16 -21.41 4.37
N ALA A 45 -15.16 -20.62 4.78
CA ALA A 45 -16.19 -21.09 5.72
C ALA A 45 -17.15 -22.10 5.09
N ALA A 46 -17.53 -21.89 3.83
CA ALA A 46 -18.48 -22.76 3.14
C ALA A 46 -17.84 -24.11 2.84
N GLU A 47 -16.52 -24.11 2.61
CA GLU A 47 -15.78 -25.37 2.37
C GLU A 47 -15.76 -26.25 3.62
N GLU A 48 -15.82 -25.60 4.79
CA GLU A 48 -15.95 -26.27 6.09
C GLU A 48 -17.37 -26.73 6.41
N GLY A 49 -18.30 -26.53 5.47
CA GLY A 49 -19.68 -27.00 5.62
C GLY A 49 -20.66 -26.05 6.29
N ALA A 50 -20.21 -24.84 6.57
CA ALA A 50 -21.07 -23.85 7.22
C ALA A 50 -22.07 -23.23 6.23
N ASN A 51 -23.24 -22.86 6.75
CA ASN A 51 -24.20 -22.08 5.99
C ASN A 51 -23.76 -20.62 6.16
N VAL A 52 -23.39 -20.00 5.04
CA VAL A 52 -22.68 -18.73 5.08
C VAL A 52 -23.49 -17.66 4.39
N LEU A 53 -23.54 -16.49 5.04
CA LEU A 53 -24.09 -15.29 4.45
C LEU A 53 -22.96 -14.31 4.24
N LEU A 54 -22.93 -13.70 3.05
N LEU A 54 -22.86 -13.77 3.03
CA LEU A 54 -21.93 -12.68 2.70
CA LEU A 54 -21.94 -12.67 2.78
C LEU A 54 -22.66 -11.36 2.40
C LEU A 54 -22.78 -11.42 2.55
N LEU A 55 -22.41 -10.34 3.22
CA LEU A 55 -23.12 -9.06 3.10
C LEU A 55 -22.21 -8.02 2.48
N ASP A 56 -22.73 -7.20 1.55
CA ASP A 56 -21.94 -6.04 1.10
C ASP A 56 -22.83 -4.81 0.90
N LYS A 57 -22.30 -3.65 1.26
CA LYS A 57 -22.93 -2.33 1.13
C LYS A 57 -23.27 -1.98 -0.33
N GLY A 58 -22.39 -2.36 -1.24
CA GLY A 58 -22.49 -1.96 -2.64
C GLY A 58 -23.46 -2.78 -3.47
N ASN A 59 -23.76 -2.25 -4.66
CA ASN A 59 -24.59 -2.99 -5.60
C ASN A 59 -23.83 -4.14 -6.25
N LYS A 60 -22.51 -4.06 -6.25
CA LYS A 60 -21.67 -5.15 -6.74
C LYS A 60 -20.61 -5.47 -5.69
N LEU A 61 -20.25 -6.75 -5.62
CA LEU A 61 -19.12 -7.21 -4.82
C LEU A 61 -17.82 -6.86 -5.55
N GLY A 62 -16.74 -6.71 -4.78
CA GLY A 62 -15.41 -6.58 -5.34
C GLY A 62 -15.17 -5.32 -6.16
N ARG A 63 -15.79 -4.20 -5.80
CA ARG A 63 -15.60 -2.93 -6.56
C ARG A 63 -14.17 -2.44 -6.60
N LYS A 64 -13.50 -2.44 -5.46
CA LYS A 64 -12.10 -2.08 -5.43
C LYS A 64 -11.24 -3.17 -6.11
N LEU A 65 -11.57 -4.43 -5.87
CA LEU A 65 -10.87 -5.53 -6.56
C LEU A 65 -10.94 -5.35 -8.07
N ALA A 66 -12.10 -4.93 -8.57
CA ALA A 66 -12.32 -4.70 -10.02
C ALA A 66 -11.48 -3.57 -10.64
N ILE A 67 -11.07 -2.59 -9.84
CA ILE A 67 -10.18 -1.52 -10.30
C ILE A 67 -8.69 -1.74 -10.01
N SER A 68 -8.39 -2.76 -9.22
CA SER A 68 -7.02 -3.02 -8.79
C SER A 68 -6.09 -3.31 -9.98
N GLY A 69 -4.80 -3.09 -9.77
CA GLY A 69 -3.76 -3.37 -10.75
C GLY A 69 -4.03 -2.68 -12.07
N GLY A 70 -4.47 -1.43 -12.00
CA GLY A 70 -4.86 -0.71 -13.23
C GLY A 70 -5.96 -1.37 -14.06
N GLY A 71 -6.86 -2.09 -13.40
CA GLY A 71 -7.95 -2.79 -14.08
C GLY A 71 -7.58 -4.22 -14.47
N ARG A 72 -6.33 -4.61 -14.18
CA ARG A 72 -5.83 -5.97 -14.51
C ARG A 72 -5.74 -6.88 -13.30
N CYS A 73 -5.67 -6.29 -12.10
CA CYS A 73 -5.51 -6.99 -10.80
C CYS A 73 -4.15 -7.66 -10.61
N ASN A 74 -3.24 -7.02 -9.89
CA ASN A 74 -1.95 -7.66 -9.47
C ASN A 74 -2.32 -8.51 -8.24
N VAL A 75 -2.69 -9.77 -8.49
N VAL A 75 -2.65 -9.78 -8.49
CA VAL A 75 -3.36 -10.62 -7.51
CA VAL A 75 -3.39 -10.60 -7.52
C VAL A 75 -2.41 -11.02 -6.38
C VAL A 75 -2.51 -11.28 -6.46
N THR A 76 -1.22 -11.46 -6.77
CA THR A 76 -0.23 -11.88 -5.78
C THR A 76 1.20 -11.62 -6.33
N ASN A 77 2.20 -12.12 -5.61
CA ASN A 77 3.58 -11.93 -5.98
C ASN A 77 4.28 -13.26 -5.73
N ARG A 78 5.10 -13.67 -6.71
N ARG A 78 5.10 -13.69 -6.68
CA ARG A 78 5.73 -15.01 -6.72
CA ARG A 78 5.68 -15.03 -6.59
C ARG A 78 7.15 -15.03 -6.13
C ARG A 78 7.05 -15.08 -5.93
N LEU A 79 7.57 -13.93 -5.51
CA LEU A 79 8.84 -13.88 -4.79
C LEU A 79 8.83 -14.82 -3.56
N PRO A 80 10.03 -15.26 -3.12
CA PRO A 80 10.06 -16.14 -1.95
C PRO A 80 9.54 -15.47 -0.69
N LEU A 81 9.11 -16.32 0.25
CA LEU A 81 8.55 -15.94 1.53
C LEU A 81 9.21 -14.76 2.21
N ASP A 82 10.53 -14.80 2.32
CA ASP A 82 11.24 -13.78 3.08
C ASP A 82 11.14 -12.41 2.37
N GLU A 83 11.14 -12.43 1.03
CA GLU A 83 10.94 -11.19 0.26
C GLU A 83 9.50 -10.68 0.35
N ILE A 84 8.52 -11.58 0.36
CA ILE A 84 7.12 -11.18 0.54
C ILE A 84 6.93 -10.41 1.87
N VAL A 85 7.43 -10.99 2.96
CA VAL A 85 7.30 -10.36 4.29
C VAL A 85 8.02 -9.01 4.36
N LYS A 86 9.20 -8.93 3.76
CA LYS A 86 9.93 -7.67 3.69
C LYS A 86 9.17 -6.56 2.95
N HIS A 87 8.29 -6.95 2.02
CA HIS A 87 7.53 -5.96 1.23
C HIS A 87 6.17 -5.65 1.86
N ILE A 88 5.96 -6.15 3.07
CA ILE A 88 4.77 -5.83 3.82
C ILE A 88 5.27 -5.18 5.11
N PRO A 89 5.61 -3.87 5.03
CA PRO A 89 6.21 -3.19 6.18
C PRO A 89 5.25 -3.01 7.34
N GLY A 90 3.96 -2.97 7.05
CA GLY A 90 2.97 -2.96 8.13
C GLY A 90 2.70 -4.37 8.60
N ASN A 91 3.45 -4.82 9.60
CA ASN A 91 3.22 -6.13 10.24
C ASN A 91 3.33 -7.37 9.36
N GLY A 92 4.25 -7.33 8.40
CA GLY A 92 4.46 -8.47 7.54
C GLY A 92 4.80 -9.72 8.35
N ARG A 93 5.54 -9.52 9.45
CA ARG A 93 6.01 -10.67 10.25
C ARG A 93 4.87 -11.42 10.92
N PHE A 94 3.80 -10.70 11.25
CA PHE A 94 2.57 -11.33 11.74
C PHE A 94 2.08 -12.46 10.83
N LEU A 95 2.36 -12.34 9.53
CA LEU A 95 1.84 -13.28 8.56
C LEU A 95 2.63 -14.58 8.44
N TYR A 96 3.77 -14.69 9.15
CA TYR A 96 4.55 -15.93 9.06
C TYR A 96 3.66 -17.17 9.32
N SER A 97 2.88 -17.18 10.40
CA SER A 97 1.96 -18.32 10.66
C SER A 97 0.95 -18.57 9.56
N ALA A 98 0.28 -17.50 9.11
CA ALA A 98 -0.68 -17.63 8.03
C ALA A 98 -0.05 -18.26 6.79
N PHE A 99 1.10 -17.73 6.39
CA PHE A 99 1.78 -18.23 5.20
C PHE A 99 2.17 -19.71 5.28
N SER A 100 2.38 -20.22 6.49
CA SER A 100 2.65 -21.66 6.69
C SER A 100 1.46 -22.53 6.27
N ILE A 101 0.26 -21.98 6.45
CA ILE A 101 -0.99 -22.66 6.10
C ILE A 101 -1.34 -22.39 4.63
N PHE A 102 -1.30 -21.13 4.21
CA PHE A 102 -1.72 -20.76 2.87
C PHE A 102 -0.90 -19.54 2.42
N ASN A 103 -0.13 -19.72 1.36
CA ASN A 103 0.86 -18.72 0.95
C ASN A 103 0.68 -18.31 -0.51
N ASN A 104 1.61 -17.52 -1.03
CA ASN A 104 1.53 -17.10 -2.44
C ASN A 104 1.38 -18.22 -3.47
N GLU A 105 2.17 -19.29 -3.34
CA GLU A 105 2.08 -20.38 -4.30
C GLU A 105 0.71 -21.06 -4.22
N ASP A 106 0.15 -21.15 -3.02
CA ASP A 106 -1.18 -21.69 -2.81
C ASP A 106 -2.27 -20.82 -3.47
N ILE A 107 -2.09 -19.51 -3.38
CA ILE A 107 -2.96 -18.55 -4.10
C ILE A 107 -2.95 -18.84 -5.60
N ILE A 108 -1.77 -19.02 -6.18
CA ILE A 108 -1.66 -19.30 -7.62
C ILE A 108 -2.41 -20.59 -8.00
N THR A 109 -2.20 -21.64 -7.23
CA THR A 109 -2.89 -22.92 -7.47
C THR A 109 -4.41 -22.79 -7.33
N PHE A 110 -4.84 -22.10 -6.29
CA PHE A 110 -6.26 -21.80 -6.02
C PHE A 110 -6.94 -21.17 -7.21
N PHE A 111 -6.31 -20.11 -7.75
CA PHE A 111 -6.88 -19.44 -8.92
C PHE A 111 -6.87 -20.28 -10.17
N GLU A 112 -5.75 -21.00 -10.40
CA GLU A 112 -5.69 -21.95 -11.54
C GLU A 112 -6.90 -22.87 -11.54
N ASN A 113 -7.19 -23.44 -10.38
CA ASN A 113 -8.31 -24.35 -10.22
C ASN A 113 -9.70 -23.74 -10.46
N LEU A 114 -9.84 -22.45 -10.18
CA LEU A 114 -11.06 -21.72 -10.49
C LEU A 114 -11.12 -21.25 -11.95
N GLY A 115 -10.17 -21.73 -12.75
CA GLY A 115 -10.14 -21.45 -14.18
C GLY A 115 -9.61 -20.08 -14.55
N VAL A 116 -8.80 -19.47 -13.67
N VAL A 116 -8.82 -19.51 -13.63
CA VAL A 116 -8.18 -18.19 -14.01
CA VAL A 116 -8.11 -18.26 -13.86
C VAL A 116 -6.65 -18.26 -13.89
C VAL A 116 -6.62 -18.60 -13.82
N LYS A 117 -6.02 -18.67 -14.99
CA LYS A 117 -4.59 -18.87 -15.08
C LYS A 117 -3.93 -17.52 -14.80
N LEU A 118 -2.86 -17.55 -14.01
CA LEU A 118 -2.04 -16.37 -13.76
C LEU A 118 -0.71 -16.42 -14.51
N LYS A 119 -0.13 -15.24 -14.68
CA LYS A 119 1.16 -15.11 -15.35
C LYS A 119 2.03 -14.17 -14.52
N GLU A 120 3.34 -14.36 -14.61
CA GLU A 120 4.26 -13.53 -13.86
C GLU A 120 4.87 -12.48 -14.76
N GLU A 121 4.89 -11.25 -14.26
CA GLU A 121 5.44 -10.10 -15.00
C GLU A 121 6.74 -9.68 -14.31
N ASP A 122 6.97 -8.38 -14.15
CA ASP A 122 8.21 -7.90 -13.53
C ASP A 122 8.18 -8.07 -12.01
N HIS A 123 9.35 -8.26 -11.42
CA HIS A 123 9.48 -8.19 -9.95
C HIS A 123 8.49 -9.10 -9.24
N GLY A 124 8.20 -10.24 -9.87
CA GLY A 124 7.43 -11.30 -9.23
C GLY A 124 5.93 -11.09 -9.31
N ARG A 125 5.51 -9.99 -9.92
N ARG A 125 5.51 -9.97 -9.91
CA ARG A 125 4.09 -9.59 -9.89
CA ARG A 125 4.09 -9.60 -9.92
C ARG A 125 3.22 -10.52 -10.73
C ARG A 125 3.25 -10.59 -10.74
N MET A 126 2.19 -11.12 -10.12
CA MET A 126 1.29 -12.04 -10.82
C MET A 126 -0.02 -11.34 -11.24
N PHE A 127 -0.49 -11.61 -12.46
CA PHE A 127 -1.72 -11.02 -13.03
C PHE A 127 -2.45 -12.14 -13.74
N PRO A 128 -3.79 -12.03 -13.90
CA PRO A 128 -4.49 -13.01 -14.71
C PRO A 128 -4.01 -12.95 -16.16
N VAL A 129 -3.90 -14.13 -16.79
CA VAL A 129 -3.62 -14.22 -18.23
C VAL A 129 -4.60 -13.39 -19.06
N SER A 130 -5.86 -13.31 -18.61
CA SER A 130 -6.89 -12.50 -19.26
C SER A 130 -6.59 -11.00 -19.28
N ASN A 131 -5.68 -10.55 -18.42
CA ASN A 131 -5.43 -9.12 -18.20
C ASN A 131 -6.65 -8.31 -17.69
N LYS A 132 -7.59 -8.99 -17.04
CA LYS A 132 -8.83 -8.34 -16.56
C LYS A 132 -9.11 -8.69 -15.09
N ALA A 133 -9.12 -7.68 -14.24
CA ALA A 133 -9.55 -7.79 -12.83
C ALA A 133 -10.91 -8.43 -12.69
N GLN A 134 -11.82 -8.15 -13.62
CA GLN A 134 -13.17 -8.72 -13.52
C GLN A 134 -13.13 -10.25 -13.56
N SER A 135 -12.14 -10.82 -14.27
CA SER A 135 -11.93 -12.27 -14.32
C SER A 135 -11.73 -12.86 -12.92
N VAL A 136 -10.97 -12.15 -12.08
CA VAL A 136 -10.68 -12.61 -10.73
C VAL A 136 -11.97 -12.55 -9.91
N VAL A 137 -12.64 -11.40 -9.96
CA VAL A 137 -13.90 -11.20 -9.23
C VAL A 137 -14.93 -12.27 -9.65
N ASP A 138 -15.08 -12.46 -10.95
CA ASP A 138 -16.05 -13.45 -11.47
C ASP A 138 -15.76 -14.88 -11.02
N ALA A 139 -14.48 -15.28 -11.03
CA ALA A 139 -14.07 -16.60 -10.57
C ALA A 139 -14.45 -16.84 -9.10
N LEU A 140 -14.25 -15.81 -8.29
CA LEU A 140 -14.55 -15.95 -6.87
C LEU A 140 -16.06 -16.03 -6.66
N LEU A 141 -16.81 -15.19 -7.37
CA LEU A 141 -18.29 -15.24 -7.34
C LEU A 141 -18.87 -16.58 -7.81
N THR A 142 -18.25 -17.16 -8.83
CA THR A 142 -18.65 -18.49 -9.33
C THR A 142 -18.39 -19.56 -8.27
N ARG A 143 -17.25 -19.50 -7.60
CA ARG A 143 -16.97 -20.46 -6.54
C ARG A 143 -17.96 -20.31 -5.36
N LEU A 144 -18.33 -19.09 -5.02
CA LEU A 144 -19.31 -18.87 -3.94
C LEU A 144 -20.66 -19.47 -4.32
N LYS A 145 -21.02 -19.33 -5.58
CA LYS A 145 -22.30 -19.84 -6.10
C LYS A 145 -22.27 -21.38 -6.05
N ASP A 146 -21.15 -21.96 -6.45
CA ASP A 146 -20.95 -23.42 -6.44
C ASP A 146 -21.10 -23.95 -5.02
N LEU A 147 -20.63 -23.19 -4.04
CA LEU A 147 -20.67 -23.62 -2.64
C LEU A 147 -22.00 -23.29 -1.93
N GLY A 148 -22.90 -22.57 -2.59
CA GLY A 148 -24.20 -22.19 -2.02
C GLY A 148 -24.17 -21.09 -0.98
N VAL A 149 -23.17 -20.21 -1.08
CA VAL A 149 -23.10 -19.05 -0.19
C VAL A 149 -24.19 -18.04 -0.56
N LYS A 150 -24.95 -17.61 0.44
CA LYS A 150 -25.95 -16.57 0.23
C LYS A 150 -25.26 -15.21 0.17
N ILE A 151 -25.54 -14.47 -0.90
CA ILE A 151 -24.97 -13.12 -1.06
C ILE A 151 -26.08 -12.09 -1.01
N ARG A 152 -25.93 -11.09 -0.14
CA ARG A 152 -26.88 -9.96 -0.14
C ARG A 152 -26.12 -8.66 -0.42
N THR A 153 -26.36 -8.10 -1.62
CA THR A 153 -25.81 -6.80 -2.02
C THR A 153 -26.71 -5.65 -1.53
N ASN A 154 -26.25 -4.40 -1.62
CA ASN A 154 -27.05 -3.23 -1.17
C ASN A 154 -27.51 -3.40 0.28
N THR A 155 -26.68 -4.07 1.07
CA THR A 155 -27.05 -4.45 2.44
C THR A 155 -25.97 -3.97 3.43
N PRO A 156 -25.98 -2.67 3.73
CA PRO A 156 -24.98 -2.16 4.66
C PRO A 156 -25.24 -2.58 6.10
N VAL A 157 -24.18 -2.98 6.77
CA VAL A 157 -24.20 -3.26 8.21
C VAL A 157 -23.99 -2.01 9.04
N GLU A 158 -24.78 -1.87 10.11
CA GLU A 158 -24.66 -0.78 11.03
C GLU A 158 -23.73 -1.11 12.22
N THR A 159 -23.93 -2.27 12.84
CA THR A 159 -23.13 -2.65 13.99
C THR A 159 -23.22 -4.16 14.21
N ILE A 160 -22.42 -4.64 15.16
CA ILE A 160 -22.39 -6.03 15.56
C ILE A 160 -22.76 -6.00 17.04
N GLU A 161 -23.60 -6.94 17.44
CA GLU A 161 -24.04 -7.17 18.83
C GLU A 161 -23.18 -8.22 19.52
N TYR A 162 -22.68 -7.87 20.71
CA TYR A 162 -21.88 -8.80 21.53
C TYR A 162 -22.54 -8.96 22.91
N GLU A 163 -22.47 -10.17 23.44
CA GLU A 163 -22.96 -10.45 24.80
C GLU A 163 -22.08 -11.53 25.43
N ASN A 164 -21.66 -11.29 26.68
CA ASN A 164 -20.92 -12.28 27.45
C ASN A 164 -19.61 -12.67 26.78
N GLY A 165 -18.94 -11.68 26.18
CA GLY A 165 -17.70 -11.91 25.46
C GLY A 165 -17.84 -12.72 24.18
N GLN A 166 -19.06 -12.77 23.62
CA GLN A 166 -19.30 -13.51 22.40
C GLN A 166 -20.10 -12.67 21.41
N THR A 167 -19.86 -12.88 20.12
N THR A 167 -19.87 -12.92 20.12
CA THR A 167 -20.72 -12.27 19.09
CA THR A 167 -20.71 -12.38 19.06
C THR A 167 -22.09 -12.94 19.13
C THR A 167 -22.12 -12.98 19.17
N LYS A 168 -23.13 -12.12 18.99
CA LYS A 168 -24.53 -12.55 19.08
C LYS A 168 -25.34 -12.22 17.81
N ALA A 169 -25.04 -11.10 17.16
CA ALA A 169 -25.85 -10.68 16.01
C ALA A 169 -25.17 -9.62 15.16
N VAL A 170 -25.54 -9.62 13.88
CA VAL A 170 -25.21 -8.50 12.96
C VAL A 170 -26.48 -7.64 12.79
N ILE A 171 -26.31 -6.33 12.93
N ILE A 171 -26.35 -6.33 12.98
CA ILE A 171 -27.42 -5.38 12.87
CA ILE A 171 -27.51 -5.46 12.83
C ILE A 171 -27.29 -4.55 11.58
C ILE A 171 -27.33 -4.56 11.61
N LEU A 172 -28.27 -4.68 10.69
CA LEU A 172 -28.24 -3.93 9.41
C LEU A 172 -28.67 -2.49 9.62
N GLN A 173 -28.28 -1.60 8.69
CA GLN A 173 -28.63 -0.18 8.80
C GLN A 173 -30.14 0.00 8.88
N THR A 174 -30.88 -0.89 8.23
CA THR A 174 -32.35 -0.86 8.29
C THR A 174 -32.92 -1.22 9.68
N GLY A 175 -32.11 -1.86 10.53
CA GLY A 175 -32.61 -2.42 11.80
C GLY A 175 -32.81 -3.93 11.81
N GLU A 176 -32.77 -4.56 10.64
CA GLU A 176 -32.90 -6.01 10.53
C GLU A 176 -31.80 -6.68 11.38
N VAL A 177 -32.20 -7.68 12.16
CA VAL A 177 -31.28 -8.39 13.04
C VAL A 177 -30.96 -9.77 12.49
N LEU A 178 -29.67 -10.09 12.40
CA LEU A 178 -29.23 -11.38 11.86
C LEU A 178 -28.44 -12.10 12.95
N GLU A 179 -29.04 -13.14 13.54
CA GLU A 179 -28.40 -13.76 14.69
C GLU A 179 -27.37 -14.77 14.21
N THR A 180 -26.21 -14.71 14.83
CA THR A 180 -25.11 -15.63 14.52
C THR A 180 -24.11 -15.55 15.63
N ASN A 181 -23.31 -16.60 15.77
CA ASN A 181 -22.25 -16.65 16.76
C ASN A 181 -20.87 -16.52 16.13
N HIS A 182 -20.80 -16.34 14.81
CA HIS A 182 -19.50 -16.24 14.13
C HIS A 182 -19.54 -15.17 13.04
N VAL A 183 -18.83 -14.06 13.24
CA VAL A 183 -18.85 -12.97 12.24
C VAL A 183 -17.44 -12.67 11.80
N VAL A 184 -17.24 -12.52 10.48
CA VAL A 184 -15.92 -12.15 9.96
C VAL A 184 -16.02 -10.70 9.47
N ILE A 185 -15.18 -9.83 10.00
CA ILE A 185 -15.16 -8.44 9.59
C ILE A 185 -14.11 -8.29 8.46
N ALA A 186 -14.59 -7.97 7.25
CA ALA A 186 -13.75 -7.90 6.07
C ALA A 186 -14.07 -6.62 5.28
N VAL A 187 -14.27 -5.51 5.98
CA VAL A 187 -14.82 -4.31 5.30
C VAL A 187 -13.77 -3.35 4.76
N GLY A 188 -12.51 -3.74 4.86
CA GLY A 188 -11.39 -2.93 4.25
C GLY A 188 -11.00 -1.69 5.05
N GLY A 189 -10.39 -0.72 4.36
CA GLY A 189 -9.85 0.46 5.02
C GLY A 189 -10.72 1.70 4.85
N LYS A 190 -10.05 2.85 4.62
CA LYS A 190 -10.75 4.12 4.50
C LYS A 190 -10.50 4.86 3.20
N SER A 191 -9.75 4.25 2.28
CA SER A 191 -9.40 4.94 1.03
C SER A 191 -10.33 4.58 -0.13
N VAL A 192 -10.52 5.53 -1.04
CA VAL A 192 -11.38 5.36 -2.21
C VAL A 192 -12.79 4.95 -1.76
N PRO A 193 -13.44 5.79 -0.93
CA PRO A 193 -14.72 5.44 -0.33
C PRO A 193 -15.84 5.06 -1.32
N GLN A 194 -15.72 5.48 -2.58
CA GLN A 194 -16.70 5.08 -3.62
C GLN A 194 -16.84 3.58 -3.84
N THR A 195 -15.79 2.84 -3.47
CA THR A 195 -15.78 1.38 -3.58
C THR A 195 -16.43 0.70 -2.37
N GLY A 196 -16.75 1.47 -1.34
CA GLY A 196 -17.44 0.95 -0.13
C GLY A 196 -16.60 0.96 1.14
N SER A 197 -15.28 1.09 0.98
CA SER A 197 -14.39 1.12 2.15
C SER A 197 -14.37 2.51 2.80
N THR A 198 -15.19 2.69 3.84
CA THR A 198 -15.34 3.99 4.52
C THR A 198 -15.01 3.93 6.02
N GLY A 199 -14.32 2.87 6.44
CA GLY A 199 -13.82 2.79 7.81
C GLY A 199 -14.85 2.34 8.84
N ASP A 200 -15.92 1.70 8.40
CA ASP A 200 -17.02 1.25 9.25
C ASP A 200 -16.56 0.19 10.26
N GLY A 201 -15.52 -0.55 9.89
CA GLY A 201 -15.10 -1.70 10.72
C GLY A 201 -14.41 -1.38 12.03
N TYR A 202 -13.75 -0.22 12.10
CA TYR A 202 -12.94 0.12 13.26
C TYR A 202 -13.78 0.26 14.54
N ALA A 203 -14.94 0.92 14.43
CA ALA A 203 -15.83 1.10 15.59
C ALA A 203 -16.37 -0.24 16.13
N TRP A 204 -16.63 -1.19 15.22
CA TRP A 204 -17.07 -2.54 15.61
C TRP A 204 -16.00 -3.27 16.39
N ALA A 205 -14.75 -3.07 15.98
CA ALA A 205 -13.61 -3.69 16.64
C ALA A 205 -13.42 -3.07 18.02
N GLU A 206 -13.55 -1.76 18.12
CA GLU A 206 -13.43 -1.05 19.40
C GLU A 206 -14.51 -1.51 20.37
N LYS A 207 -15.73 -1.68 19.86
CA LYS A 207 -16.86 -2.17 20.67
C LYS A 207 -16.56 -3.57 21.22
N ALA A 208 -15.85 -4.36 20.42
CA ALA A 208 -15.40 -5.70 20.79
C ALA A 208 -14.21 -5.71 21.73
N GLY A 209 -13.66 -4.54 22.07
CA GLY A 209 -12.51 -4.44 22.97
C GLY A 209 -11.14 -4.11 22.36
N HIS A 210 -11.10 -3.96 21.04
CA HIS A 210 -9.81 -3.77 20.35
C HIS A 210 -9.28 -2.35 20.28
N THR A 211 -7.96 -2.21 20.13
N THR A 211 -7.98 -2.25 20.02
CA THR A 211 -7.41 -0.90 19.80
CA THR A 211 -7.31 -0.97 19.80
C THR A 211 -7.24 -0.80 18.29
C THR A 211 -7.02 -0.77 18.31
N ILE A 212 -7.29 0.42 17.80
CA ILE A 212 -7.04 0.75 16.39
C ILE A 212 -5.74 1.54 16.30
N THR A 213 -4.77 1.02 15.53
CA THR A 213 -3.53 1.73 15.28
C THR A 213 -3.85 2.98 14.45
N GLU A 214 -3.35 4.13 14.87
CA GLU A 214 -3.67 5.40 14.19
C GLU A 214 -3.50 5.28 12.67
N LEU A 215 -4.51 5.74 11.94
CA LEU A 215 -4.56 5.59 10.49
C LEU A 215 -3.67 6.61 9.76
N PHE A 216 -3.02 6.17 8.68
CA PHE A 216 -2.18 7.05 7.88
C PHE A 216 -2.30 6.69 6.40
N PRO A 217 -2.16 7.67 5.51
CA PRO A 217 -2.20 7.33 4.08
C PRO A 217 -0.91 6.63 3.67
N THR A 218 -0.99 5.79 2.63
CA THR A 218 0.21 5.25 2.00
C THR A 218 0.15 5.50 0.51
N GLU A 219 1.33 5.61 -0.10
CA GLU A 219 1.48 5.82 -1.53
C GLU A 219 0.70 7.03 -2.03
N VAL A 220 0.98 8.19 -1.43
CA VAL A 220 0.36 9.46 -1.83
C VAL A 220 1.44 10.48 -2.10
N PRO A 221 1.14 11.52 -2.93
CA PRO A 221 2.15 12.56 -3.13
C PRO A 221 2.53 13.28 -1.82
N ILE A 222 3.73 13.85 -1.80
CA ILE A 222 4.25 14.53 -0.62
C ILE A 222 4.11 16.04 -0.85
N LEU A 223 3.71 16.80 0.17
CA LEU A 223 3.57 18.26 0.06
C LEU A 223 4.82 19.01 0.54
N SER A 224 5.11 20.16 -0.08
CA SER A 224 6.21 21.00 0.37
C SER A 224 5.95 22.47 0.08
N ASN A 225 6.35 23.36 0.97
CA ASN A 225 6.24 24.80 0.67
C ASN A 225 7.60 25.47 0.55
N GLU A 226 8.62 24.67 0.20
CA GLU A 226 9.93 25.20 -0.15
C GLU A 226 9.76 26.31 -1.18
N PRO A 227 10.54 27.41 -1.05
CA PRO A 227 10.42 28.50 -2.03
C PRO A 227 10.55 28.03 -3.48
N PHE A 228 11.45 27.06 -3.75
CA PHE A 228 11.59 26.57 -5.12
C PHE A 228 10.41 25.76 -5.62
N ILE A 229 9.60 25.21 -4.71
CA ILE A 229 8.34 24.58 -5.11
C ILE A 229 7.30 25.67 -5.40
N ARG A 230 7.20 26.65 -4.50
CA ARG A 230 6.22 27.73 -4.66
C ARG A 230 6.45 28.55 -5.93
N ASP A 231 7.70 28.76 -6.32
CA ASP A 231 7.96 29.54 -7.54
C ASP A 231 7.98 28.69 -8.82
N ARG A 232 7.65 27.40 -8.67
CA ARG A 232 7.47 26.48 -9.80
C ARG A 232 8.77 26.27 -10.60
N SER A 233 9.91 26.54 -9.97
CA SER A 233 11.23 26.43 -10.60
C SER A 233 11.44 25.11 -11.34
N LEU A 234 10.95 24.01 -10.77
CA LEU A 234 11.22 22.66 -11.27
C LEU A 234 9.94 21.91 -11.64
N GLN A 235 8.83 22.65 -11.73
CA GLN A 235 7.53 22.01 -11.92
C GLN A 235 7.48 21.18 -13.20
N GLY A 236 7.08 19.93 -13.05
CA GLY A 236 6.98 19.00 -14.17
C GLY A 236 8.27 18.24 -14.46
N LEU A 237 9.34 18.57 -13.74
CA LEU A 237 10.61 17.90 -13.94
C LEU A 237 10.65 16.50 -13.33
N ALA A 238 10.95 15.51 -14.19
CA ALA A 238 11.13 14.13 -13.74
C ALA A 238 12.60 13.86 -13.52
N LEU A 239 12.94 13.30 -12.36
CA LEU A 239 14.28 12.80 -12.09
C LEU A 239 14.14 11.28 -12.10
N ARG A 240 14.88 10.62 -12.98
CA ARG A 240 14.77 9.17 -13.16
C ARG A 240 15.82 8.40 -12.37
N ASP A 241 15.39 7.29 -11.79
CA ASP A 241 16.27 6.36 -11.09
C ASP A 241 17.11 7.04 -10.01
N ILE A 242 16.44 7.70 -9.06
CA ILE A 242 17.13 8.42 -8.01
C ILE A 242 16.98 7.65 -6.71
N ASN A 243 17.71 8.07 -5.69
CA ASN A 243 17.46 7.64 -4.34
C ASN A 243 16.82 8.77 -3.54
N LEU A 244 15.64 8.51 -2.99
CA LEU A 244 14.95 9.49 -2.15
C LEU A 244 14.94 9.01 -0.72
N SER A 245 15.47 9.83 0.18
CA SER A 245 15.59 9.52 1.61
C SER A 245 14.74 10.44 2.48
N VAL A 246 14.23 9.89 3.57
CA VAL A 246 13.61 10.67 4.63
C VAL A 246 14.64 10.68 5.76
N LEU A 247 15.18 11.87 6.03
CA LEU A 247 16.29 11.99 6.99
C LEU A 247 15.81 11.93 8.43
N ASN A 248 16.65 11.36 9.31
CA ASN A 248 16.50 11.45 10.76
C ASN A 248 17.77 11.14 11.52
N ALA A 253 17.58 7.02 8.83
CA ALA A 253 17.05 7.43 7.53
C ALA A 253 16.39 6.26 6.80
N ILE A 254 15.30 6.55 6.10
CA ILE A 254 14.59 5.57 5.28
C ILE A 254 14.70 5.97 3.81
N ILE A 255 15.07 5.01 2.96
CA ILE A 255 15.57 5.30 1.61
C ILE A 255 14.85 4.48 0.54
N SER A 256 14.28 5.14 -0.46
CA SER A 256 13.77 4.44 -1.64
C SER A 256 14.80 4.49 -2.78
N HIS A 257 15.17 3.30 -3.27
CA HIS A 257 16.30 3.14 -4.20
C HIS A 257 15.92 2.99 -5.66
N LYS A 258 16.63 3.74 -6.51
CA LYS A 258 16.50 3.65 -7.96
C LYS A 258 15.04 3.71 -8.46
N MET A 259 14.33 4.76 -8.04
CA MET A 259 12.97 4.98 -8.47
C MET A 259 12.81 6.40 -8.99
N ASP A 260 11.77 6.63 -9.77
CA ASP A 260 11.59 7.93 -10.40
C ASP A 260 10.81 8.86 -9.46
N MET A 261 11.05 10.16 -9.59
CA MET A 261 10.35 11.17 -8.81
C MET A 261 9.92 12.25 -9.78
N LEU A 262 8.89 13.01 -9.43
CA LEU A 262 8.42 14.15 -10.21
C LEU A 262 8.25 15.34 -9.28
N PHE A 263 8.71 16.52 -9.71
CA PHE A 263 8.35 17.77 -9.02
C PHE A 263 7.01 18.28 -9.54
N THR A 264 6.08 18.55 -8.61
CA THR A 264 4.78 19.08 -8.95
C THR A 264 4.62 20.50 -8.42
N HIS A 265 3.47 21.10 -8.73
CA HIS A 265 3.04 22.37 -8.20
C HIS A 265 3.03 22.37 -6.67
N PHE A 266 2.76 21.22 -6.07
CA PHE A 266 2.54 21.18 -4.62
C PHE A 266 3.61 20.45 -3.80
N GLY A 267 4.57 19.83 -4.47
CA GLY A 267 5.55 19.01 -3.77
C GLY A 267 6.20 17.99 -4.66
N LEU A 268 6.19 16.75 -4.18
CA LEU A 268 6.91 15.65 -4.84
C LEU A 268 5.96 14.50 -5.10
N SER A 269 6.04 13.94 -6.31
N SER A 269 6.04 13.94 -6.31
CA SER A 269 5.23 12.78 -6.63
CA SER A 269 5.24 12.77 -6.63
C SER A 269 6.07 11.77 -7.41
C SER A 269 6.07 11.76 -7.41
N GLY A 270 5.42 10.78 -8.04
CA GLY A 270 6.17 9.71 -8.71
C GLY A 270 6.46 8.62 -7.72
N PRO A 271 6.84 7.41 -8.20
CA PRO A 271 7.07 6.21 -7.38
C PRO A 271 7.95 6.43 -6.16
N ALA A 272 9.07 7.15 -6.29
CA ALA A 272 9.98 7.37 -5.17
C ALA A 272 9.30 8.11 -4.01
N ALA A 273 8.57 9.16 -4.35
CA ALA A 273 7.86 10.00 -3.38
C ALA A 273 6.73 9.23 -2.75
N LEU A 274 5.95 8.56 -3.59
CA LEU A 274 4.82 7.74 -3.11
C LEU A 274 5.29 6.71 -2.09
N ARG A 275 6.42 6.07 -2.36
N ARG A 275 6.44 6.10 -2.37
CA ARG A 275 6.93 5.07 -1.41
CA ARG A 275 7.04 5.10 -1.49
C ARG A 275 7.32 5.71 -0.06
C ARG A 275 7.48 5.64 -0.13
N CYS A 276 7.96 6.88 -0.12
CA CYS A 276 8.39 7.57 1.11
C CYS A 276 7.24 8.16 1.91
N SER A 277 6.08 8.37 1.28
CA SER A 277 5.02 9.17 1.89
C SER A 277 4.57 8.69 3.29
N GLN A 278 4.46 7.38 3.48
CA GLN A 278 4.00 6.90 4.79
C GLN A 278 4.99 7.29 5.87
N PHE A 279 6.27 7.33 5.50
CA PHE A 279 7.32 7.69 6.44
C PHE A 279 7.33 9.16 6.80
N VAL A 280 7.00 10.02 5.83
CA VAL A 280 6.79 11.45 6.07
C VAL A 280 5.67 11.68 7.11
N VAL A 281 4.53 11.03 6.90
CA VAL A 281 3.35 11.15 7.75
C VAL A 281 3.69 10.75 9.17
N LYS A 282 4.25 9.55 9.35
CA LYS A 282 4.55 9.03 10.67
C LYS A 282 5.44 10.00 11.43
N ALA A 283 6.56 10.36 10.81
CA ALA A 283 7.52 11.33 11.36
C ALA A 283 6.88 12.64 11.83
N LEU A 284 6.16 13.32 10.94
CA LEU A 284 5.45 14.55 11.32
C LEU A 284 4.54 14.35 12.56
N LYS A 285 3.82 13.24 12.59
CA LYS A 285 2.91 12.91 13.70
C LYS A 285 3.66 12.64 15.02
N LYS A 286 4.70 11.81 14.95
CA LYS A 286 5.51 11.48 16.14
C LYS A 286 6.19 12.69 16.79
N PHE A 287 6.65 13.62 15.96
CA PHE A 287 7.59 14.65 16.43
C PHE A 287 7.01 16.05 16.68
N LYS A 288 5.92 16.40 15.99
CA LYS A 288 5.27 17.70 16.14
C LYS A 288 6.16 18.86 15.63
N THR A 289 6.83 18.65 14.49
CA THR A 289 7.49 19.75 13.76
C THR A 289 6.62 20.13 12.57
N ASN A 290 6.86 21.30 11.98
CA ASN A 290 6.06 21.71 10.82
C ASN A 290 6.57 21.12 9.51
N THR A 291 7.88 20.88 9.44
CA THR A 291 8.48 20.20 8.29
C THR A 291 9.47 19.12 8.72
N ILE A 292 9.71 18.16 7.83
CA ILE A 292 10.80 17.21 8.00
C ILE A 292 11.67 17.21 6.74
N GLN A 293 12.93 16.82 6.88
CA GLN A 293 13.91 16.88 5.80
C GLN A 293 13.94 15.62 4.96
N MET A 294 13.88 15.80 3.64
CA MET A 294 14.09 14.71 2.70
C MET A 294 15.35 15.02 1.90
N SER A 295 15.96 13.99 1.33
CA SER A 295 17.15 14.21 0.54
C SER A 295 17.10 13.45 -0.77
N ILE A 296 17.54 14.11 -1.83
CA ILE A 296 17.54 13.55 -3.19
C ILE A 296 18.98 13.24 -3.65
N ASP A 297 19.24 11.97 -3.98
CA ASP A 297 20.50 11.56 -4.63
C ASP A 297 20.20 11.37 -6.10
N ALA A 298 20.56 12.36 -6.89
CA ALA A 298 20.18 12.32 -8.30
C ALA A 298 21.02 11.31 -9.12
N LEU A 299 22.21 10.98 -8.62
CA LEU A 299 23.09 10.05 -9.31
C LEU A 299 23.58 8.98 -8.33
N PRO A 300 22.71 7.99 -8.01
CA PRO A 300 23.06 6.95 -7.05
C PRO A 300 24.16 5.99 -7.52
N GLU A 301 24.29 5.78 -8.83
CA GLU A 301 25.33 4.92 -9.41
C GLU A 301 26.77 5.38 -9.15
N GLU A 302 26.97 6.69 -9.02
CA GLU A 302 28.33 7.26 -8.94
C GLU A 302 28.62 7.96 -7.63
N ASN A 303 29.77 7.63 -7.05
CA ASN A 303 30.17 8.24 -5.77
C ASN A 303 30.76 9.63 -5.98
N SER A 304 30.79 10.44 -4.92
CA SER A 304 31.11 11.86 -5.01
C SER A 304 32.54 12.14 -5.47
N GLU A 305 33.41 11.13 -5.36
CA GLU A 305 34.77 11.24 -5.86
C GLU A 305 34.78 11.02 -7.37
N GLN A 306 34.21 9.90 -7.82
CA GLN A 306 34.06 9.61 -9.24
C GLN A 306 33.40 10.76 -9.99
N LEU A 307 32.35 11.33 -9.41
CA LEU A 307 31.63 12.42 -10.02
C LEU A 307 32.49 13.68 -10.09
N PHE A 308 33.22 13.96 -9.02
CA PHE A 308 34.07 15.16 -8.96
C PHE A 308 35.15 15.10 -10.03
N GLN A 309 35.78 13.93 -10.18
CA GLN A 309 36.86 13.73 -11.17
C GLN A 309 36.34 13.73 -12.60
N ARG A 310 35.15 13.14 -12.80
CA ARG A 310 34.46 13.23 -14.08
C ARG A 310 34.33 14.68 -14.51
N MET A 311 33.96 15.54 -13.55
CA MET A 311 33.72 16.95 -13.80
C MET A 311 34.99 17.76 -14.08
N LEU A 312 36.08 17.46 -13.37
CA LEU A 312 37.39 18.07 -13.65
C LEU A 312 37.91 17.70 -15.04
N LYS A 313 37.93 16.40 -15.32
CA LYS A 313 38.40 15.87 -16.61
C LYS A 313 37.62 16.39 -17.83
N GLN A 314 36.50 17.07 -17.58
CA GLN A 314 35.72 17.74 -18.62
C GLN A 314 35.99 19.24 -18.68
N MET A 315 36.21 19.85 -17.52
CA MET A 315 36.50 21.29 -17.44
C MET A 315 37.86 21.62 -18.05
N LYS A 316 38.73 20.61 -18.11
CA LYS A 316 40.07 20.75 -18.68
C LYS A 316 40.10 20.49 -20.18
N GLU A 317 39.18 19.66 -20.66
CA GLU A 317 39.06 19.38 -22.09
C GLU A 317 38.59 20.63 -22.84
N ASP A 318 37.77 21.45 -22.18
CA ASP A 318 37.26 22.71 -22.75
C ASP A 318 37.23 23.85 -21.71
N PRO A 319 38.40 24.40 -21.34
CA PRO A 319 38.51 25.41 -20.28
C PRO A 319 38.00 26.80 -20.69
N LYS A 320 37.85 27.03 -21.99
CA LYS A 320 37.37 28.32 -22.50
C LYS A 320 35.85 28.33 -22.73
N LYS A 321 35.23 27.16 -22.59
CA LYS A 321 33.80 27.03 -22.82
C LYS A 321 32.99 27.24 -21.54
N GLY A 322 31.78 27.77 -21.70
CA GLY A 322 30.87 28.04 -20.58
C GLY A 322 30.56 26.77 -19.81
N ILE A 323 30.53 26.90 -18.49
CA ILE A 323 30.37 25.74 -17.61
C ILE A 323 29.02 25.04 -17.82
N LYS A 324 27.99 25.79 -18.20
CA LYS A 324 26.66 25.23 -18.45
C LYS A 324 26.62 24.31 -19.67
N ASN A 325 27.68 24.37 -20.49
CA ASN A 325 27.81 23.50 -21.65
C ASN A 325 28.84 22.40 -21.45
N VAL A 326 29.88 22.72 -20.70
CA VAL A 326 30.89 21.74 -20.32
C VAL A 326 30.29 20.62 -19.46
N LEU A 327 29.36 20.98 -18.59
CA LEU A 327 28.81 20.00 -17.63
C LEU A 327 27.35 19.64 -17.89
N LYS A 328 26.91 19.79 -19.14
CA LYS A 328 25.59 19.33 -19.55
C LYS A 328 25.51 17.81 -19.44
N GLY A 329 24.29 17.30 -19.24
CA GLY A 329 24.03 15.86 -19.37
C GLY A 329 24.17 15.01 -18.12
N TYR A 330 24.60 15.60 -17.01
CA TYR A 330 24.69 14.90 -15.73
C TYR A 330 23.32 14.69 -15.13
N VAL A 331 22.54 15.77 -15.11
CA VAL A 331 21.14 15.75 -14.67
C VAL A 331 20.31 16.57 -15.66
N PRO A 332 18.96 16.50 -15.56
CA PRO A 332 18.17 17.29 -16.49
C PRO A 332 18.53 18.77 -16.41
N GLU A 333 18.47 19.45 -17.55
CA GLU A 333 18.94 20.84 -17.67
C GLU A 333 18.33 21.78 -16.63
N ARG A 334 17.02 21.69 -16.41
CA ARG A 334 16.37 22.61 -15.47
C ARG A 334 16.90 22.48 -14.04
N TYR A 335 17.17 21.24 -13.62
CA TYR A 335 17.73 20.94 -12.32
C TYR A 335 19.16 21.45 -12.25
N PHE A 336 19.92 21.19 -13.32
CA PHE A 336 21.30 21.63 -13.44
C PHE A 336 21.42 23.13 -13.24
N LEU A 337 20.60 23.88 -13.98
CA LEU A 337 20.67 25.34 -14.00
C LEU A 337 20.23 25.93 -12.66
N PHE A 338 19.24 25.29 -12.03
CA PHE A 338 18.79 25.63 -10.67
C PHE A 338 19.88 25.43 -9.62
N LEU A 339 20.64 24.34 -9.74
CA LEU A 339 21.71 24.04 -8.79
C LEU A 339 22.93 24.95 -8.95
N LEU A 340 23.21 25.36 -10.19
CA LEU A 340 24.25 26.34 -10.48
C LEU A 340 23.95 27.64 -9.74
N GLU A 341 22.74 28.17 -9.92
CA GLU A 341 22.25 29.37 -9.24
C GLU A 341 22.41 29.22 -7.73
N LYS A 342 21.88 28.12 -7.19
CA LYS A 342 21.96 27.82 -5.76
C LYS A 342 23.38 27.87 -5.22
N ASN A 343 24.33 27.47 -6.06
CA ASN A 343 25.73 27.46 -5.67
C ASN A 343 26.49 28.68 -6.13
N GLU A 344 25.76 29.67 -6.64
CA GLU A 344 26.30 30.93 -7.17
C GLU A 344 27.35 30.74 -8.26
N ILE A 345 26.94 30.02 -9.30
CA ILE A 345 27.76 29.78 -10.48
C ILE A 345 27.04 30.36 -11.70
N ASP A 346 27.74 31.26 -12.40
CA ASP A 346 27.23 31.81 -13.64
C ASP A 346 27.44 30.70 -14.68
N GLY A 347 26.34 30.31 -15.34
CA GLY A 347 26.38 29.26 -16.37
C GLY A 347 27.34 29.58 -17.49
N SER A 348 27.54 30.87 -17.74
CA SER A 348 28.44 31.36 -18.79
C SER A 348 29.90 31.52 -18.34
N GLU A 349 30.16 31.41 -17.03
CA GLU A 349 31.54 31.36 -16.51
C GLU A 349 32.39 30.32 -17.25
N GLN A 350 33.61 30.71 -17.59
CA GLN A 350 34.55 29.78 -18.23
C GLN A 350 34.86 28.62 -17.29
N ALA A 351 34.83 27.40 -17.85
CA ALA A 351 35.05 26.17 -17.08
C ALA A 351 36.34 26.18 -16.26
N GLY A 352 37.36 26.88 -16.76
CA GLY A 352 38.63 27.04 -16.05
C GLY A 352 38.71 28.32 -15.24
N GLN A 353 37.56 28.92 -14.96
CA GLN A 353 37.46 30.10 -14.09
C GLN A 353 36.41 29.84 -13.00
N VAL A 354 36.08 28.56 -12.81
CA VAL A 354 35.15 28.12 -11.78
C VAL A 354 35.92 27.40 -10.67
N SER A 355 35.77 27.88 -9.44
CA SER A 355 36.53 27.35 -8.31
C SER A 355 36.14 25.94 -7.94
N HIS A 356 37.15 25.12 -7.64
CA HIS A 356 36.97 23.71 -7.33
C HIS A 356 36.12 23.45 -6.08
N GLU A 357 36.06 24.44 -5.19
CA GLU A 357 35.19 24.38 -4.02
C GLU A 357 33.71 24.45 -4.45
N LYS A 358 33.44 25.28 -5.45
CA LYS A 358 32.08 25.45 -5.99
C LYS A 358 31.59 24.24 -6.82
N ILE A 359 32.54 23.47 -7.37
CA ILE A 359 32.24 22.22 -8.04
C ILE A 359 31.96 21.13 -7.01
N ARG A 360 32.76 21.09 -5.96
CA ARG A 360 32.56 20.15 -4.84
C ARG A 360 31.16 20.31 -4.27
N ALA A 361 30.69 21.55 -4.27
CA ALA A 361 29.38 21.91 -3.76
C ALA A 361 28.29 21.42 -4.72
N LEU A 362 28.55 21.58 -6.02
CA LEU A 362 27.61 21.14 -7.03
C LEU A 362 27.42 19.63 -6.92
N VAL A 363 28.52 18.92 -6.72
CA VAL A 363 28.50 17.47 -6.58
C VAL A 363 27.73 17.05 -5.31
N LYS A 364 27.89 17.80 -4.20
CA LYS A 364 27.12 17.53 -2.99
C LYS A 364 25.60 17.73 -3.24
N ASP A 365 25.23 18.73 -4.03
CA ASP A 365 23.81 18.90 -4.37
C ASP A 365 23.29 17.84 -5.36
N PHE A 366 24.19 17.26 -6.16
CA PHE A 366 23.84 16.13 -7.03
C PHE A 366 23.58 14.87 -6.22
N LYS A 367 24.23 14.78 -5.07
CA LYS A 367 24.20 13.58 -4.27
C LYS A 367 23.28 13.68 -3.06
N GLU A 368 23.04 14.90 -2.58
CA GLU A 368 22.21 15.09 -1.37
C GLU A 368 21.55 16.46 -1.30
N PHE A 369 20.68 16.73 -2.27
CA PHE A 369 19.86 17.93 -2.28
C PHE A 369 18.69 17.81 -1.31
N THR A 370 18.62 18.70 -0.33
CA THR A 370 17.60 18.59 0.71
C THR A 370 16.31 19.31 0.32
N VAL A 371 15.19 18.69 0.70
CA VAL A 371 13.91 19.29 0.44
C VAL A 371 13.13 19.15 1.75
N ASN A 372 12.72 20.26 2.36
CA ASN A 372 11.84 20.23 3.54
C ASN A 372 10.41 20.01 3.12
N VAL A 373 9.74 19.03 3.70
CA VAL A 373 8.38 18.72 3.32
C VAL A 373 7.44 18.83 4.53
N ASN A 374 6.16 19.07 4.28
CA ASN A 374 5.32 19.37 5.43
C ASN A 374 3.99 18.64 5.52
N GLY A 375 3.78 17.69 4.62
CA GLY A 375 2.63 16.78 4.70
C GLY A 375 2.52 15.92 3.47
N THR A 376 1.38 15.24 3.34
CA THR A 376 1.08 14.40 2.20
C THR A 376 -0.40 14.58 1.84
N GLN A 377 -0.81 14.04 0.69
CA GLN A 377 -2.26 13.97 0.38
C GLN A 377 -3.00 13.04 1.37
N SER A 378 -4.33 13.10 1.35
CA SER A 378 -5.16 12.55 2.41
C SER A 378 -5.36 11.04 2.28
N ILE A 379 -5.93 10.42 3.31
CA ILE A 379 -6.24 8.98 3.29
C ILE A 379 -7.26 8.62 2.21
N GLU A 380 -8.25 9.50 1.99
CA GLU A 380 -9.29 9.29 0.98
C GLU A 380 -8.69 8.97 -0.39
N LYS A 381 -7.55 9.61 -0.67
CA LYS A 381 -6.83 9.51 -1.93
C LYS A 381 -5.72 8.42 -1.96
N ALA A 382 -5.56 7.68 -0.88
CA ALA A 382 -4.47 6.70 -0.81
C ALA A 382 -4.73 5.37 -1.51
N PHE A 383 -3.64 4.68 -1.81
CA PHE A 383 -3.62 3.32 -2.30
C PHE A 383 -4.20 2.34 -1.25
N VAL A 384 -3.60 2.35 -0.06
CA VAL A 384 -4.02 1.51 1.02
C VAL A 384 -4.00 2.38 2.28
N THR A 385 -4.90 2.11 3.20
CA THR A 385 -4.86 2.72 4.54
C THR A 385 -3.85 1.97 5.42
N GLY A 386 -2.91 2.72 6.00
CA GLY A 386 -2.01 2.18 7.00
C GLY A 386 -2.71 2.30 8.35
N GLY A 387 -2.39 1.37 9.25
CA GLY A 387 -3.03 1.29 10.57
C GLY A 387 -4.29 0.47 10.44
N GLY A 388 -5.04 0.35 11.53
CA GLY A 388 -6.26 -0.46 11.56
C GLY A 388 -6.26 -1.28 12.85
N VAL A 389 -7.03 -2.36 12.86
CA VAL A 389 -7.16 -3.21 14.06
C VAL A 389 -5.80 -3.84 14.41
N SER A 390 -5.35 -3.63 15.66
CA SER A 390 -4.00 -4.06 16.05
C SER A 390 -3.84 -5.58 15.94
N VAL A 391 -2.77 -6.03 15.28
CA VAL A 391 -2.55 -7.47 15.11
C VAL A 391 -2.09 -8.17 16.40
N LYS A 392 -1.62 -7.37 17.36
CA LYS A 392 -1.25 -7.88 18.71
C LYS A 392 -2.42 -8.55 19.42
N GLU A 393 -3.62 -8.17 19.01
CA GLU A 393 -4.85 -8.61 19.62
C GLU A 393 -5.54 -9.72 18.84
N ILE A 394 -4.84 -10.27 17.85
CA ILE A 394 -5.40 -11.26 16.95
C ILE A 394 -4.54 -12.50 17.05
N ASN A 395 -5.18 -13.65 17.08
CA ASN A 395 -4.46 -14.93 17.02
C ASN A 395 -4.02 -15.21 15.58
N PRO A 396 -2.70 -15.16 15.32
CA PRO A 396 -2.12 -15.29 13.97
C PRO A 396 -2.46 -16.54 13.19
N LYS A 397 -2.78 -17.64 13.86
CA LYS A 397 -3.11 -18.88 13.17
C LYS A 397 -4.59 -18.94 12.83
N GLU A 398 -5.38 -18.02 13.38
CA GLU A 398 -6.84 -18.09 13.34
C GLU A 398 -7.52 -16.85 12.77
N MET A 399 -6.83 -15.72 12.84
CA MET A 399 -7.40 -14.39 12.55
C MET A 399 -8.56 -14.06 13.50
N SER A 400 -8.58 -14.72 14.66
CA SER A 400 -9.64 -14.52 15.66
C SER A 400 -9.25 -13.44 16.64
N SER A 401 -10.24 -12.69 17.13
CA SER A 401 -10.07 -11.72 18.18
C SER A 401 -9.59 -12.43 19.45
N LYS A 402 -8.62 -11.84 20.14
CA LYS A 402 -8.24 -12.29 21.48
C LYS A 402 -9.25 -11.84 22.56
N PHE A 403 -10.15 -10.94 22.20
CA PHE A 403 -11.07 -10.35 23.19
C PHE A 403 -12.52 -10.84 23.18
N THR A 404 -13.06 -11.09 22.00
CA THR A 404 -14.46 -11.45 21.85
C THR A 404 -14.48 -12.74 21.08
N ASN A 405 -15.16 -13.76 21.62
CA ASN A 405 -15.33 -15.01 20.92
C ASN A 405 -16.21 -14.88 19.68
N GLY A 406 -15.94 -15.67 18.64
CA GLY A 406 -16.77 -15.68 17.43
C GLY A 406 -16.61 -14.45 16.56
N LEU A 407 -15.49 -13.77 16.72
CA LEU A 407 -15.19 -12.57 15.94
C LEU A 407 -13.84 -12.77 15.24
N TYR A 408 -13.79 -12.47 13.94
CA TYR A 408 -12.60 -12.73 13.10
C TYR A 408 -12.39 -11.48 12.26
N PHE A 409 -11.17 -11.24 11.83
CA PHE A 409 -10.86 -10.06 11.03
C PHE A 409 -9.97 -10.48 9.88
N CYS A 410 -10.06 -9.78 8.77
CA CYS A 410 -9.20 -10.12 7.66
C CYS A 410 -9.16 -8.95 6.71
N GLY A 411 -8.17 -8.97 5.82
CA GLY A 411 -8.02 -7.86 4.85
C GLY A 411 -7.48 -6.58 5.45
N GLU A 412 -7.78 -5.49 4.77
CA GLU A 412 -7.13 -4.22 5.06
C GLU A 412 -7.60 -3.56 6.35
N VAL A 413 -8.72 -4.02 6.90
CA VAL A 413 -9.20 -3.53 8.20
C VAL A 413 -8.17 -3.76 9.32
N LEU A 414 -7.35 -4.83 9.19
CA LEU A 414 -6.21 -5.09 10.06
C LEU A 414 -5.07 -4.10 9.82
N ASP A 415 -4.23 -3.90 10.84
CA ASP A 415 -3.05 -3.06 10.70
C ASP A 415 -1.93 -3.82 9.96
N ILE A 416 -2.19 -4.16 8.70
CA ILE A 416 -1.20 -4.79 7.82
C ILE A 416 -1.27 -3.96 6.55
N HIS A 417 -0.12 -3.61 6.00
CA HIS A 417 -0.08 -2.99 4.67
C HIS A 417 1.22 -3.30 3.94
N GLY A 418 1.08 -3.36 2.62
CA GLY A 418 2.14 -3.74 1.73
C GLY A 418 2.50 -2.59 0.83
N TYR A 419 3.72 -2.64 0.30
CA TYR A 419 4.14 -1.81 -0.81
C TYR A 419 3.37 -2.26 -2.06
N THR A 420 3.50 -1.52 -3.16
CA THR A 420 2.92 -1.98 -4.45
C THR A 420 3.59 -3.27 -4.97
N GLY A 421 2.84 -4.08 -5.72
CA GLY A 421 3.41 -5.31 -6.25
C GLY A 421 2.60 -6.56 -5.96
N GLY A 422 1.38 -6.44 -5.43
CA GLY A 422 0.55 -7.66 -5.21
C GLY A 422 0.45 -8.03 -3.74
N TYR A 423 1.08 -7.24 -2.88
CA TYR A 423 1.29 -7.64 -1.49
C TYR A 423 0.03 -7.44 -0.68
N ASN A 424 -0.71 -6.38 -1.00
CA ASN A 424 -1.93 -6.10 -0.22
C ASN A 424 -3.00 -7.13 -0.51
N ILE A 425 -3.19 -7.52 -1.77
CA ILE A 425 -4.15 -8.58 -2.10
C ILE A 425 -3.66 -9.96 -1.60
N THR A 426 -2.36 -10.22 -1.65
CA THR A 426 -1.83 -11.42 -1.02
C THR A 426 -2.31 -11.52 0.43
N SER A 427 -2.07 -10.48 1.21
CA SER A 427 -2.46 -10.48 2.63
C SER A 427 -3.98 -10.63 2.79
N ALA A 428 -4.75 -9.93 1.98
CA ALA A 428 -6.22 -10.00 2.07
C ALA A 428 -6.72 -11.44 1.76
N LEU A 429 -6.18 -12.05 0.71
CA LEU A 429 -6.61 -13.40 0.31
C LEU A 429 -6.25 -14.42 1.38
N VAL A 430 -5.02 -14.30 1.89
CA VAL A 430 -4.50 -15.21 2.91
C VAL A 430 -5.27 -15.06 4.23
N THR A 431 -5.30 -13.84 4.77
CA THR A 431 -6.06 -13.61 6.01
C THR A 431 -7.53 -13.98 5.86
N GLY A 432 -8.12 -13.71 4.68
CA GLY A 432 -9.54 -14.03 4.49
C GLY A 432 -9.74 -15.54 4.50
N ARG A 433 -8.88 -16.27 3.81
CA ARG A 433 -9.01 -17.74 3.80
C ARG A 433 -8.85 -18.32 5.23
N ILE A 434 -7.87 -17.85 5.99
CA ILE A 434 -7.66 -18.38 7.38
C ILE A 434 -8.86 -18.05 8.28
N ALA A 435 -9.30 -16.79 8.25
CA ALA A 435 -10.46 -16.35 9.04
C ALA A 435 -11.69 -17.16 8.73
N GLY A 436 -11.96 -17.39 7.44
CA GLY A 436 -13.13 -18.13 7.00
C GLY A 436 -13.09 -19.60 7.40
N THR A 437 -11.97 -20.26 7.16
N THR A 437 -11.97 -20.24 7.11
CA THR A 437 -11.86 -21.67 7.51
CA THR A 437 -11.74 -21.63 7.51
C THR A 437 -11.91 -21.90 9.04
C THR A 437 -12.03 -21.79 9.00
N THR A 438 -11.37 -20.97 9.81
CA THR A 438 -11.45 -21.01 11.29
C THR A 438 -12.90 -20.81 11.77
N ALA A 439 -13.58 -19.80 11.22
CA ALA A 439 -14.99 -19.58 11.56
C ALA A 439 -15.84 -20.80 11.24
N GLY A 440 -15.67 -21.35 10.03
CA GLY A 440 -16.44 -22.48 9.56
C GLY A 440 -16.19 -23.68 10.46
N GLU A 441 -14.92 -23.88 10.79
CA GLU A 441 -14.52 -24.94 11.73
C GLU A 441 -15.16 -24.74 13.11
N ASN A 442 -15.01 -23.55 13.68
CA ASN A 442 -15.58 -23.27 15.01
C ASN A 442 -17.09 -23.45 15.05
N ALA A 443 -17.77 -23.00 13.99
CA ALA A 443 -19.23 -23.04 13.92
C ALA A 443 -19.81 -24.45 13.93
N LYS A 444 -19.03 -25.43 13.47
CA LYS A 444 -19.42 -26.86 13.50
C LYS A 444 -19.11 -27.48 14.86
#